data_5GJI
#
_entry.id   5GJI
#
_cell.length_a   27.590
_cell.length_b   31.240
_cell.length_c   32.250
_cell.angle_alpha   73.28
_cell.angle_beta   85.38
_cell.angle_gamma   71.73
#
_symmetry.space_group_name_H-M   'P 1'
#
loop_
_entity.id
_entity.type
_entity.pdbx_description
1 polymer 'Phosphatidylinositol 3-kinase regulatory subunit alpha'
2 polymer 'T-cell-specific surface glycoprotein CD28'
3 non-polymer 'SULFATE ION'
4 non-polymer GLYCEROL
5 water water
#
loop_
_entity_poly.entity_id
_entity_poly.type
_entity_poly.pdbx_seq_one_letter_code
_entity_poly.pdbx_strand_id
1 'polypeptide(L)'
;GSNMSLQNAEWYWGDISREEVNEKLRDTADGTFLVRDASTKMHGDYTLTLRKGGNNKLIKIFHRDGKYGFSDPLTFSSVV
ELINHYRNESLAQYNPKLDVKLLYPVSK
;
A
2 'polypeptide(L)' SD(PTR)MNMTP B
#
loop_
_chem_comp.id
_chem_comp.type
_chem_comp.name
_chem_comp.formula
GOL non-polymer GLYCEROL 'C3 H8 O3'
SO4 non-polymer 'SULFATE ION' 'O4 S -2'
#
# COMPACT_ATOMS: atom_id res chain seq x y z
N SER A 2 -13.72 13.42 -6.08
CA SER A 2 -13.90 13.91 -4.72
C SER A 2 -14.26 12.78 -3.74
N ASN A 3 -14.54 11.57 -4.25
CA ASN A 3 -14.76 10.47 -3.34
CA ASN A 3 -14.77 10.43 -3.35
C ASN A 3 -13.45 9.74 -3.06
N MET A 4 -12.94 9.99 -1.88
CA MET A 4 -11.68 9.45 -1.42
CA MET A 4 -11.68 9.41 -1.44
C MET A 4 -11.88 8.24 -0.49
N SER A 5 -13.07 7.66 -0.54
CA SER A 5 -13.40 6.54 0.35
C SER A 5 -12.61 5.30 0.01
N LEU A 6 -11.95 4.74 1.01
CA LEU A 6 -11.20 3.51 0.84
C LEU A 6 -12.09 2.35 0.42
N GLN A 7 -13.29 2.27 0.98
CA GLN A 7 -14.24 1.22 0.59
C GLN A 7 -14.62 1.23 -0.90
N ASN A 8 -14.53 2.41 -1.49
CA ASN A 8 -14.88 2.67 -2.88
C ASN A 8 -13.83 2.14 -3.85
N ALA A 9 -12.66 1.78 -3.35
CA ALA A 9 -11.59 1.29 -4.19
C ALA A 9 -11.55 -0.25 -4.21
N GLU A 10 -11.63 -0.86 -5.38
CA GLU A 10 -11.71 -2.32 -5.37
C GLU A 10 -10.34 -2.98 -5.12
N TRP A 11 -9.24 -2.20 -5.12
CA TRP A 11 -7.94 -2.74 -4.70
C TRP A 11 -7.83 -2.85 -3.19
N TYR A 12 -8.85 -2.41 -2.45
CA TYR A 12 -8.89 -2.57 -1.01
C TYR A 12 -9.73 -3.79 -0.63
N TRP A 13 -9.07 -4.72 0.05
CA TRP A 13 -9.67 -6.01 0.37
C TRP A 13 -10.02 -6.20 1.85
N GLY A 14 -9.75 -5.21 2.70
CA GLY A 14 -10.15 -5.33 4.09
C GLY A 14 -9.41 -6.44 4.81
N ASP A 15 -10.18 -7.23 5.54
CA ASP A 15 -9.64 -8.23 6.44
C ASP A 15 -9.40 -9.54 5.70
N ILE A 16 -8.37 -9.53 4.86
CA ILE A 16 -7.83 -10.76 4.28
C ILE A 16 -6.43 -10.96 4.78
N SER A 17 -5.98 -12.21 4.72
CA SER A 17 -4.68 -12.58 5.24
C SER A 17 -3.55 -12.37 4.23
N ARG A 18 -2.34 -12.40 4.74
CA ARG A 18 -1.16 -12.43 3.88
C ARG A 18 -1.23 -13.61 2.89
N GLU A 19 -1.71 -14.78 3.35
CA GLU A 19 -1.86 -15.93 2.44
C GLU A 19 -2.85 -15.66 1.31
N GLU A 20 -3.97 -15.02 1.64
CA GLU A 20 -4.91 -14.64 0.60
C GLU A 20 -4.28 -13.66 -0.38
N VAL A 21 -3.47 -12.72 0.11
CA VAL A 21 -2.77 -11.81 -0.80
C VAL A 21 -1.82 -12.61 -1.71
N ASN A 22 -1.10 -13.57 -1.13
CA ASN A 22 -0.18 -14.36 -1.93
C ASN A 22 -0.92 -15.18 -2.99
N GLU A 23 -2.12 -15.66 -2.68
CA GLU A 23 -2.92 -16.33 -3.69
C GLU A 23 -3.21 -15.41 -4.87
N LYS A 24 -3.57 -14.17 -4.57
CA LYS A 24 -3.97 -13.21 -5.60
C LYS A 24 -2.78 -12.70 -6.40
N LEU A 25 -1.60 -12.67 -5.80
CA LEU A 25 -0.40 -12.21 -6.51
C LEU A 25 0.35 -13.33 -7.21
N ARG A 26 -0.05 -14.57 -6.97
CA ARG A 26 0.59 -15.71 -7.59
C ARG A 26 0.61 -15.56 -9.11
N ASP A 27 1.80 -15.71 -9.69
CA ASP A 27 2.02 -15.66 -11.13
C ASP A 27 1.64 -14.33 -11.79
N THR A 28 1.61 -13.24 -11.02
CA THR A 28 1.25 -11.94 -11.60
C THR A 28 2.44 -11.11 -12.06
N ALA A 29 2.13 -10.20 -12.97
CA ALA A 29 3.12 -9.28 -13.51
C ALA A 29 3.56 -8.23 -12.50
N ASP A 30 4.79 -7.76 -12.65
CA ASP A 30 5.27 -6.68 -11.82
C ASP A 30 4.36 -5.45 -11.98
N GLY A 31 4.12 -4.77 -10.87
CA GLY A 31 3.22 -3.64 -10.85
C GLY A 31 1.81 -4.00 -10.42
N THR A 32 1.53 -5.29 -10.20
CA THR A 32 0.28 -5.74 -9.61
C THR A 32 0.28 -5.37 -8.14
N PHE A 33 -0.87 -4.97 -7.61
CA PHE A 33 -0.90 -4.54 -6.21
C PHE A 33 -2.31 -4.66 -5.62
N LEU A 34 -2.35 -4.64 -4.29
CA LEU A 34 -3.60 -4.55 -3.54
C LEU A 34 -3.29 -4.12 -2.12
N VAL A 35 -4.32 -3.64 -1.43
CA VAL A 35 -4.21 -3.18 -0.06
C VAL A 35 -5.15 -4.02 0.82
N ARG A 36 -4.65 -4.40 1.99
CA ARG A 36 -5.45 -5.08 3.00
C ARG A 36 -5.25 -4.40 4.34
N ASP A 37 -6.08 -4.77 5.31
CA ASP A 37 -5.87 -4.31 6.68
C ASP A 37 -4.54 -4.83 7.20
N ALA A 38 -3.86 -4.01 8.00
CA ALA A 38 -2.63 -4.46 8.66
C ALA A 38 -2.94 -5.63 9.59
N SER A 39 -1.98 -6.55 9.73
CA SER A 39 -2.21 -7.79 10.46
C SER A 39 -2.41 -7.55 11.95
N THR A 40 -1.88 -6.43 12.44
CA THR A 40 -1.97 -5.98 13.83
C THR A 40 -3.34 -5.43 14.17
N LYS A 41 -4.12 -5.25 13.11
N LYS A 41 -4.03 -4.92 13.14
CA LYS A 41 -5.52 -4.80 13.12
CA LYS A 41 -5.21 -4.06 13.30
C LYS A 41 -5.75 -3.64 14.07
C LYS A 41 -4.98 -2.86 14.23
N MET A 42 -4.74 -2.81 14.22
N MET A 42 -4.00 -2.02 13.92
CA MET A 42 -4.94 -1.48 14.75
CA MET A 42 -3.69 -0.88 14.80
C MET A 42 -5.81 -0.77 13.74
C MET A 42 -3.54 0.48 14.11
N HIS A 43 -6.91 -0.18 14.21
N HIS A 43 -3.96 1.50 14.85
CA HIS A 43 -7.87 0.46 13.33
CA HIS A 43 -4.01 2.92 14.45
C HIS A 43 -7.18 1.51 12.48
C HIS A 43 -4.54 3.19 13.05
N GLY A 44 -7.44 1.46 11.18
N GLY A 44 -5.43 2.34 12.58
CA GLY A 44 -6.94 2.47 10.28
CA GLY A 44 -6.04 2.53 11.27
C GLY A 44 -5.54 2.26 9.74
C GLY A 44 -5.02 2.41 10.15
N ASP A 45 -4.94 1.12 10.06
N ASP A 45 -3.99 1.62 10.38
CA ASP A 45 -3.59 0.81 9.58
CA ASP A 45 -3.03 1.29 9.34
C ASP A 45 -3.64 -0.15 8.39
C ASP A 45 -3.59 0.18 8.40
N TYR A 46 -2.97 0.16 7.26
CA TYR A 46 -3.16 -0.74 6.13
C TYR A 46 -1.82 -1.23 5.62
N THR A 47 -1.85 -2.29 4.82
CA THR A 47 -0.65 -2.87 4.24
C THR A 47 -0.84 -2.99 2.73
N LEU A 48 0.07 -2.34 2.01
CA LEU A 48 0.18 -2.46 0.56
C LEU A 48 1.08 -3.64 0.23
N THR A 49 0.66 -4.47 -0.73
CA THR A 49 1.54 -5.52 -1.25
C THR A 49 1.63 -5.31 -2.75
N LEU A 50 2.85 -5.23 -3.25
N LEU A 50 2.88 -5.34 -3.24
CA LEU A 50 2.98 -5.10 -4.68
CA LEU A 50 3.28 -4.92 -4.58
C LEU A 50 3.91 -6.18 -5.19
C LEU A 50 4.17 -5.97 -5.25
N ARG A 51 3.83 -6.37 -6.48
CA ARG A 51 4.60 -7.36 -7.20
C ARG A 51 5.82 -6.71 -7.86
N LYS A 52 7.01 -7.19 -7.51
CA LYS A 52 8.25 -6.68 -8.08
CA LYS A 52 8.25 -6.67 -8.07
C LYS A 52 9.26 -7.83 -8.10
N GLY A 53 9.92 -8.02 -9.24
CA GLY A 53 10.83 -9.15 -9.35
C GLY A 53 10.15 -10.50 -9.20
N GLY A 54 8.86 -10.58 -9.52
CA GLY A 54 8.14 -11.81 -9.33
C GLY A 54 7.94 -12.19 -7.87
N ASN A 55 8.11 -11.21 -6.97
CA ASN A 55 8.02 -11.39 -5.53
C ASN A 55 7.06 -10.35 -4.96
N ASN A 56 6.57 -10.63 -3.75
CA ASN A 56 5.54 -9.81 -3.13
C ASN A 56 6.17 -8.94 -2.05
N LYS A 57 6.15 -7.63 -2.28
CA LYS A 57 6.80 -6.66 -1.41
C LYS A 57 5.76 -6.06 -0.47
N LEU A 58 6.01 -6.16 0.82
CA LEU A 58 5.12 -5.68 1.87
CA LEU A 58 5.09 -5.66 1.83
C LEU A 58 5.50 -4.27 2.28
N ILE A 59 4.54 -3.35 2.21
CA ILE A 59 4.79 -1.94 2.46
C ILE A 59 3.71 -1.42 3.43
N LYS A 60 4.13 -1.02 4.62
N LYS A 60 4.14 -0.99 4.61
CA LYS A 60 3.23 -0.44 5.59
CA LYS A 60 3.20 -0.47 5.58
C LYS A 60 2.68 0.90 5.10
C LYS A 60 2.69 0.93 5.17
N ILE A 61 1.38 1.10 5.24
CA ILE A 61 0.77 2.41 5.07
C ILE A 61 0.54 2.95 6.48
N PHE A 62 1.41 3.88 6.86
N PHE A 62 1.35 3.89 6.89
CA PHE A 62 1.35 4.63 8.11
CA PHE A 62 1.18 4.50 8.18
C PHE A 62 0.07 5.51 8.14
C PHE A 62 0.08 5.53 8.17
N HIS A 63 -0.57 5.63 9.31
CA HIS A 63 -1.67 6.57 9.52
C HIS A 63 -1.45 7.23 10.86
N ARG A 64 -1.27 8.54 10.86
CA ARG A 64 -1.01 9.28 12.08
C ARG A 64 -1.38 10.72 11.86
N ASP A 65 -1.94 11.37 12.86
N ASP A 65 -2.09 11.23 12.86
CA ASP A 65 -2.16 12.81 12.75
CA ASP A 65 -2.63 12.59 12.91
C ASP A 65 -2.98 13.19 11.51
C ASP A 65 -3.36 12.99 11.63
N GLY A 66 -3.94 12.33 11.16
N GLY A 66 -4.18 12.07 11.13
CA GLY A 66 -4.84 12.59 10.05
CA GLY A 66 -5.01 12.36 9.96
C GLY A 66 -4.27 12.33 8.66
C GLY A 66 -4.32 12.19 8.61
N LYS A 67 -3.06 11.79 8.61
CA LYS A 67 -2.31 11.66 7.36
C LYS A 67 -1.78 10.26 7.17
N TYR A 68 -1.35 10.01 5.95
CA TYR A 68 -0.91 8.70 5.51
C TYR A 68 0.40 8.82 4.72
N GLY A 69 1.15 7.73 4.69
CA GLY A 69 2.34 7.67 3.86
C GLY A 69 3.09 6.37 4.10
N PHE A 70 4.15 6.18 3.35
CA PHE A 70 5.02 5.00 3.50
C PHE A 70 6.18 5.24 4.47
N SER A 71 6.46 6.51 4.76
CA SER A 71 7.51 6.87 5.70
C SER A 71 7.20 8.27 6.20
N ASP A 72 7.78 8.63 7.33
CA ASP A 72 7.65 9.99 7.84
C ASP A 72 8.52 10.91 7.00
N PRO A 73 8.05 12.12 6.64
CA PRO A 73 6.77 12.70 7.02
C PRO A 73 5.60 12.15 6.20
N LEU A 74 4.45 12.01 6.87
CA LEU A 74 3.21 11.60 6.23
C LEU A 74 2.56 12.80 5.58
N THR A 75 2.31 12.72 4.28
CA THR A 75 1.91 13.89 3.50
C THR A 75 0.65 13.67 2.66
N PHE A 76 -0.03 12.54 2.84
CA PHE A 76 -1.25 12.25 2.09
C PHE A 76 -2.46 12.32 3.02
N SER A 77 -3.56 12.85 2.52
CA SER A 77 -4.71 12.98 3.42
CA SER A 77 -4.78 13.03 3.32
C SER A 77 -5.68 11.79 3.34
N SER A 78 -5.43 10.84 2.43
CA SER A 78 -6.23 9.63 2.36
C SER A 78 -5.39 8.50 1.79
N VAL A 79 -5.82 7.28 2.08
CA VAL A 79 -5.22 6.11 1.46
C VAL A 79 -5.40 6.15 -0.07
N VAL A 80 -6.59 6.54 -0.51
CA VAL A 80 -6.85 6.64 -1.95
C VAL A 80 -5.92 7.65 -2.62
N GLU A 81 -5.69 8.81 -2.01
CA GLU A 81 -4.78 9.78 -2.60
C GLU A 81 -3.36 9.22 -2.70
N LEU A 82 -2.91 8.53 -1.67
CA LEU A 82 -1.60 7.90 -1.65
C LEU A 82 -1.46 6.89 -2.79
N ILE A 83 -2.41 5.97 -2.89
CA ILE A 83 -2.34 4.93 -3.92
C ILE A 83 -2.45 5.56 -5.32
N ASN A 84 -3.38 6.51 -5.49
CA ASN A 84 -3.52 7.17 -6.78
CA ASN A 84 -3.51 7.16 -6.79
C ASN A 84 -2.22 7.86 -7.20
N HIS A 85 -1.53 8.46 -6.24
CA HIS A 85 -0.29 9.14 -6.52
C HIS A 85 0.73 8.20 -7.13
N TYR A 86 0.78 6.98 -6.59
CA TYR A 86 1.79 6.01 -7.00
C TYR A 86 1.34 5.13 -8.17
N ARG A 87 0.18 5.41 -8.77
CA ARG A 87 -0.14 4.84 -10.07
C ARG A 87 0.81 5.35 -11.14
N ASN A 88 1.26 6.59 -10.95
N ASN A 88 1.29 6.58 -10.99
CA ASN A 88 2.03 7.30 -11.97
CA ASN A 88 2.11 7.16 -12.05
C ASN A 88 3.38 7.83 -11.49
C ASN A 88 3.52 7.54 -11.60
N GLU A 89 3.81 7.42 -10.30
CA GLU A 89 5.15 7.70 -9.80
C GLU A 89 5.74 6.41 -9.28
N SER A 90 6.97 6.11 -9.68
CA SER A 90 7.68 4.97 -9.14
C SER A 90 7.97 5.16 -7.66
N LEU A 91 7.98 4.04 -6.92
CA LEU A 91 8.30 4.04 -5.49
C LEU A 91 9.82 4.07 -5.20
N ALA A 92 10.64 4.28 -6.23
CA ALA A 92 12.08 4.12 -6.08
C ALA A 92 12.72 5.09 -5.08
N GLN A 93 12.12 6.25 -4.81
CA GLN A 93 12.75 7.17 -3.86
C GLN A 93 12.77 6.63 -2.45
N TYR A 94 11.84 5.73 -2.13
CA TYR A 94 11.80 5.12 -0.80
C TYR A 94 12.81 3.99 -0.65
N ASN A 95 13.12 3.33 -1.76
CA ASN A 95 13.97 2.15 -1.75
C ASN A 95 14.28 1.83 -3.20
N PRO A 96 15.57 1.79 -3.60
CA PRO A 96 15.85 1.57 -5.02
CA PRO A 96 15.95 1.52 -4.99
C PRO A 96 15.42 0.19 -5.54
N LYS A 97 15.06 -0.74 -4.65
CA LYS A 97 14.51 -2.03 -5.06
C LYS A 97 13.03 -1.95 -5.46
N LEU A 98 12.43 -0.78 -5.31
CA LEU A 98 11.01 -0.58 -5.63
C LEU A 98 10.83 0.37 -6.81
N ASP A 99 11.62 0.16 -7.86
CA ASP A 99 11.45 0.97 -9.05
C ASP A 99 10.35 0.37 -9.90
N VAL A 100 9.13 0.68 -9.51
CA VAL A 100 7.92 0.10 -10.02
C VAL A 100 6.78 1.03 -9.61
N LYS A 101 5.72 1.00 -10.40
CA LYS A 101 4.51 1.77 -10.15
C LYS A 101 3.38 0.85 -9.73
N LEU A 102 2.33 1.43 -9.16
CA LEU A 102 1.14 0.69 -8.81
C LEU A 102 0.24 0.67 -10.04
N LEU A 103 0.45 -0.33 -10.88
CA LEU A 103 -0.17 -0.36 -12.21
C LEU A 103 -1.49 -1.13 -12.28
N TYR A 104 -1.51 -2.35 -11.74
CA TYR A 104 -2.57 -3.31 -12.02
C TYR A 104 -3.23 -3.73 -10.71
N PRO A 105 -4.37 -3.13 -10.38
CA PRO A 105 -5.01 -3.50 -9.11
C PRO A 105 -5.58 -4.90 -9.18
N VAL A 106 -5.50 -5.63 -8.06
CA VAL A 106 -6.28 -6.84 -7.91
C VAL A 106 -7.63 -6.39 -7.33
N SER A 107 -8.72 -6.57 -8.06
CA SER A 107 -9.98 -5.91 -7.69
C SER A 107 -11.05 -6.83 -7.13
N LYS A 108 -11.59 -6.44 -5.96
CA LYS A 108 -12.62 -7.21 -5.26
C LYS A 108 -13.95 -7.16 -5.99
N SER B 1 11.50 -7.55 10.24
CA SER B 1 10.29 -8.11 9.67
C SER B 1 10.49 -8.33 8.18
N ASP B 2 9.44 -8.80 7.50
CA ASP B 2 9.47 -9.00 6.06
C ASP B 2 9.14 -7.73 5.30
N PTR B 3 8.80 -6.66 6.00
CA PTR B 3 8.41 -5.43 5.33
C PTR B 3 9.59 -4.72 4.68
O PTR B 3 10.71 -4.77 5.17
CB PTR B 3 7.75 -4.50 6.33
CG PTR B 3 6.31 -4.84 6.64
CD1 PTR B 3 5.30 -4.06 6.12
CD2 PTR B 3 5.95 -5.92 7.42
CE1 PTR B 3 3.97 -4.33 6.38
CE2 PTR B 3 4.61 -6.21 7.70
CZ PTR B 3 3.62 -5.40 7.17
OH PTR B 3 2.32 -5.55 7.37
P PTR B 3 1.50 -6.82 7.99
O1P PTR B 3 1.85 -8.04 7.12
O2P PTR B 3 0.08 -6.41 7.84
O3P PTR B 3 1.89 -7.08 9.43
N MET B 4 9.31 -4.03 3.60
CA MET B 4 10.28 -3.15 2.98
C MET B 4 10.66 -2.01 3.91
N ASN B 5 11.94 -1.67 3.92
CA ASN B 5 12.44 -0.49 4.59
C ASN B 5 12.33 0.71 3.66
N MET B 6 11.59 1.71 4.10
CA MET B 6 11.23 2.87 3.28
C MET B 6 11.92 4.10 3.85
N THR B 7 12.77 4.73 3.05
CA THR B 7 13.53 5.83 3.60
CA THR B 7 13.55 5.88 3.47
C THR B 7 12.64 7.00 3.98
N PRO B 8 12.93 7.62 5.13
CA PRO B 8 12.17 8.78 5.58
C PRO B 8 12.61 10.06 4.89
S SO4 C . -8.45 10.39 10.90
O1 SO4 C . -8.84 9.02 11.23
O2 SO4 C . -7.48 10.37 9.82
O3 SO4 C . -7.79 10.97 12.06
O4 SO4 C . -9.58 11.23 10.54
S SO4 D . 4.36 -17.00 -6.63
O1 SO4 D . 5.24 -18.14 -6.44
O2 SO4 D . 4.08 -16.76 -8.06
O3 SO4 D . 3.12 -17.28 -5.91
O4 SO4 D . 4.94 -15.79 -6.01
S SO4 E . 15.35 -3.52 2.42
O1 SO4 E . 15.65 -4.94 2.55
O2 SO4 E . 15.79 -3.00 1.14
O3 SO4 E . 13.92 -3.32 2.64
O4 SO4 E . 16.13 -2.84 3.46
C1 GOL F . 9.37 0.99 6.91
O1 GOL F . 10.54 1.74 6.73
C2 GOL F . 9.52 0.21 8.19
O2 GOL F . 9.23 1.04 9.29
C3 GOL F . 8.74 -1.12 8.18
O3 GOL F . 7.34 -0.98 8.00
#